data_1ZM5
#
_entry.id   1ZM5
#
_cell.length_a   91.077
_cell.length_b   91.077
_cell.length_c   205.551
_cell.angle_alpha   90.00
_cell.angle_beta   90.00
_cell.angle_gamma   120.00
#
_symmetry.space_group_name_H-M   'P 61 2 2'
#
loop_
_entity.id
_entity.type
_entity.pdbx_description
1 polymer 'DNA (25-MER)'
2 polymer TrwC
3 non-polymer 'SULFATE ION'
4 non-polymer 'COPPER (II) ION'
5 water water
#
loop_
_entity_poly.entity_id
_entity_poly.type
_entity_poly.pdbx_seq_one_letter_code
_entity_poly.pdbx_strand_id
1 'polydeoxyribonucleotide'
;(DG)(DC)(DG)(DC)(DA)(DC)(DC)(DG)(DA)(DA)(DA)(DG)(DG)(DT)(DG)(DC)(DG)(DT)(DA)(DT)
(DT)(DG)(DT)(DC)(DT)
;
B
2 'polypeptide(L)'
;(MSE)LSH(MSE)VLTRQDIGRAASYYEDGADDYYAKDGDASEWQGKGAEELGLSGEVDSKRFRELLAGNIGEGHRI
(MSE)RSATRQDSKERIGLDLTFSAPKSVSLQALVAGDAEIIKAHDRAVARTLEQAEARAQARQKIQGKTRIETTGNLVI
GKFRHETSRERDPQLHTHAVILN(MSE)TKRSDGQWRALKNDEIVKATRYLGAVYNAELAHELQKLGYQLRYGKDGNFDL
AHIDRQQIEGFSKRTEQIAEWYAARGLDPNSVSLEQKQAAKVLSRAKKTSVDREALRAEWQATAKELGIDFS
;
A
#
loop_
_chem_comp.id
_chem_comp.type
_chem_comp.name
_chem_comp.formula
CU non-polymer 'COPPER (II) ION' 'Cu 2'
DA DNA linking 2'-DEOXYADENOSINE-5'-MONOPHOSPHATE 'C10 H14 N5 O6 P'
DC DNA linking 2'-DEOXYCYTIDINE-5'-MONOPHOSPHATE 'C9 H14 N3 O7 P'
DG DNA linking 2'-DEOXYGUANOSINE-5'-MONOPHOSPHATE 'C10 H14 N5 O7 P'
DT DNA linking THYMIDINE-5'-MONOPHOSPHATE 'C10 H15 N2 O8 P'
SO4 non-polymer 'SULFATE ION' 'O4 S -2'
#
# COMPACT_ATOMS: atom_id res chain seq x y z
N MSE B 1 1.48 1.35 9.06
CA MSE B 1 2.53 2.08 8.28
C MSE B 1 1.99 2.48 6.91
O MSE B 1 1.26 1.72 6.27
CB MSE B 1 3.76 1.17 8.11
CG MSE B 1 4.92 1.78 7.33
SE MSE B 1 5.87 3.20 8.25
CE MSE B 1 6.65 4.10 6.72
N LEU B 2 2.33 3.69 6.48
CA LEU B 2 1.90 4.18 5.17
C LEU B 2 3.10 4.81 4.49
N SER B 3 3.37 4.33 3.28
CA SER B 3 4.47 4.85 2.47
C SER B 3 3.89 5.20 1.12
N HIS B 4 4.41 6.27 0.53
CA HIS B 4 3.93 6.67 -0.77
C HIS B 4 5.10 6.71 -1.72
N MSE B 5 4.79 6.56 -2.99
CA MSE B 5 5.79 6.63 -4.03
C MSE B 5 5.11 7.12 -5.29
O MSE B 5 4.07 6.61 -5.70
CB MSE B 5 6.41 5.25 -4.25
CG MSE B 5 7.55 5.27 -5.26
SE MSE B 5 8.46 3.58 -5.40
CE MSE B 5 9.13 3.48 -3.57
N VAL B 6 5.69 8.15 -5.89
CA VAL B 6 5.12 8.67 -7.12
C VAL B 6 5.62 7.73 -8.22
N LEU B 7 4.70 7.28 -9.07
CA LEU B 7 5.06 6.38 -10.16
C LEU B 7 5.23 7.09 -11.50
N THR B 8 6.41 6.93 -12.09
CA THR B 8 6.72 7.51 -13.38
C THR B 8 6.77 6.36 -14.40
N ARG B 9 7.11 6.68 -15.65
CA ARG B 9 7.17 5.66 -16.71
C ARG B 9 8.09 4.48 -16.37
N GLN B 10 9.27 4.76 -15.82
CA GLN B 10 10.20 3.71 -15.46
C GLN B 10 9.67 2.74 -14.38
N ASP B 11 8.55 3.09 -13.75
CA ASP B 11 7.97 2.23 -12.72
C ASP B 11 6.74 1.51 -13.26
N ILE B 12 6.36 1.79 -14.50
CA ILE B 12 5.18 1.17 -15.08
C ILE B 12 5.30 -0.36 -15.09
N GLY B 13 6.53 -0.85 -15.11
CA GLY B 13 6.74 -2.28 -15.08
C GLY B 13 6.38 -2.82 -13.72
N ARG B 14 6.72 -2.07 -12.67
CA ARG B 14 6.41 -2.47 -11.30
C ARG B 14 4.91 -2.57 -11.09
N ALA B 15 4.15 -1.97 -12.01
CA ALA B 15 2.70 -2.01 -11.95
C ALA B 15 2.22 -3.41 -12.31
N ALA B 16 3.17 -4.26 -12.67
CA ALA B 16 2.87 -5.65 -13.04
C ALA B 16 2.93 -6.54 -11.79
N SER B 17 3.89 -6.24 -10.92
CA SER B 17 4.06 -7.00 -9.69
C SER B 17 2.83 -6.92 -8.80
N TYR B 18 2.04 -5.85 -8.96
CA TYR B 18 0.84 -5.69 -8.16
C TYR B 18 -0.13 -6.83 -8.42
N TYR B 19 -0.03 -7.41 -9.63
CA TYR B 19 -0.88 -8.52 -9.99
C TYR B 19 -0.23 -9.86 -9.66
N GLU B 20 1.10 -9.94 -9.76
CA GLU B 20 1.80 -11.19 -9.44
C GLU B 20 1.63 -11.43 -7.96
N ASP B 21 0.43 -11.90 -7.60
CA ASP B 21 0.04 -12.15 -6.22
C ASP B 21 1.15 -12.11 -5.19
N GLY B 22 1.43 -10.92 -4.68
CA GLY B 22 2.42 -10.81 -3.64
C GLY B 22 1.71 -11.57 -2.56
N ALA B 23 0.39 -11.57 -2.69
CA ALA B 23 -0.52 -12.27 -1.79
C ALA B 23 -0.57 -13.71 -2.28
N ASP B 24 -1.36 -14.54 -1.61
CA ASP B 24 -1.44 -15.93 -2.02
C ASP B 24 -2.76 -16.59 -1.66
N ASP B 25 -2.87 -17.05 -0.43
CA ASP B 25 -4.08 -17.74 0.04
C ASP B 25 -5.37 -17.00 -0.32
N TYR B 26 -5.48 -15.76 0.13
CA TYR B 26 -6.69 -14.98 -0.13
C TYR B 26 -6.76 -14.38 -1.53
N TYR B 27 -5.69 -14.54 -2.29
CA TYR B 27 -5.65 -14.04 -3.66
C TYR B 27 -6.53 -14.94 -4.53
N ALA B 28 -6.68 -16.19 -4.11
CA ALA B 28 -7.48 -17.16 -4.84
C ALA B 28 -8.97 -16.87 -4.67
N LYS B 29 -9.43 -15.81 -5.34
CA LYS B 29 -10.83 -15.39 -5.30
C LYS B 29 -11.43 -15.27 -3.90
N ASP B 30 -10.62 -15.49 -2.88
CA ASP B 30 -11.07 -15.38 -1.50
C ASP B 30 -11.08 -13.90 -1.19
N GLY B 31 -12.25 -13.28 -1.32
CA GLY B 31 -12.35 -11.85 -1.07
C GLY B 31 -11.58 -11.12 -2.16
N ASP B 32 -10.99 -11.90 -3.06
CA ASP B 32 -10.20 -11.40 -4.18
C ASP B 32 -9.23 -10.25 -3.86
N ALA B 33 -7.96 -10.50 -4.11
CA ALA B 33 -6.89 -9.55 -3.84
C ALA B 33 -7.04 -8.13 -4.40
N SER B 34 -7.59 -7.98 -5.60
CA SER B 34 -7.73 -6.64 -6.18
C SER B 34 -9.15 -6.10 -6.13
N GLU B 35 -9.27 -4.78 -6.12
CA GLU B 35 -10.56 -4.10 -6.08
C GLU B 35 -10.41 -2.63 -6.44
N TRP B 36 -11.30 -2.12 -7.30
CA TRP B 36 -11.27 -0.71 -7.69
C TRP B 36 -11.91 0.11 -6.58
N GLN B 37 -11.55 1.38 -6.48
CA GLN B 37 -12.17 2.26 -5.49
C GLN B 37 -12.11 3.71 -5.96
N GLY B 38 -13.06 4.50 -5.48
CA GLY B 38 -13.11 5.92 -5.83
C GLY B 38 -14.30 6.37 -6.66
N LYS B 39 -14.74 7.60 -6.42
CA LYS B 39 -15.86 8.14 -7.18
C LYS B 39 -15.43 8.18 -8.65
N GLY B 40 -14.16 8.50 -8.88
CA GLY B 40 -13.63 8.56 -10.22
C GLY B 40 -13.76 7.22 -10.93
N ALA B 41 -13.45 6.15 -10.22
CA ALA B 41 -13.55 4.81 -10.78
C ALA B 41 -15.01 4.56 -11.15
N GLU B 42 -15.92 4.90 -10.24
CA GLU B 42 -17.35 4.73 -10.47
C GLU B 42 -17.77 5.55 -11.69
N GLU B 43 -17.12 6.69 -11.87
CA GLU B 43 -17.42 7.56 -13.01
C GLU B 43 -17.03 6.88 -14.32
N LEU B 44 -16.05 5.99 -14.25
CA LEU B 44 -15.58 5.27 -15.44
C LEU B 44 -16.23 3.90 -15.54
N GLY B 45 -17.19 3.62 -14.66
CA GLY B 45 -17.86 2.34 -14.68
C GLY B 45 -16.87 1.24 -14.34
N LEU B 46 -16.34 1.27 -13.11
CA LEU B 46 -15.37 0.28 -12.66
C LEU B 46 -15.63 -0.09 -11.21
N SER B 47 -15.82 -1.38 -10.98
CA SER B 47 -16.05 -1.88 -9.63
C SER B 47 -15.59 -3.32 -9.57
N GLY B 48 -15.41 -3.85 -8.37
CA GLY B 48 -14.96 -5.23 -8.23
C GLY B 48 -13.51 -5.41 -8.65
N GLU B 49 -13.14 -6.66 -8.90
CA GLU B 49 -11.77 -7.01 -9.30
C GLU B 49 -11.18 -6.05 -10.33
N VAL B 50 -9.89 -5.77 -10.22
CA VAL B 50 -9.21 -4.87 -11.15
C VAL B 50 -8.79 -5.64 -12.39
N ASP B 51 -9.09 -5.10 -13.56
CA ASP B 51 -8.73 -5.74 -14.81
C ASP B 51 -7.32 -5.34 -15.23
N SER B 52 -6.45 -6.33 -15.37
CA SER B 52 -5.06 -6.09 -15.75
C SER B 52 -4.97 -5.25 -17.01
N LYS B 53 -5.85 -5.51 -17.96
CA LYS B 53 -5.85 -4.78 -19.22
C LYS B 53 -6.24 -3.32 -19.01
N ARG B 54 -7.43 -3.10 -18.46
CA ARG B 54 -7.93 -1.76 -18.21
C ARG B 54 -6.98 -0.95 -17.32
N PHE B 55 -6.45 -1.59 -16.29
CA PHE B 55 -5.53 -0.94 -15.36
C PHE B 55 -4.26 -0.47 -16.08
N ARG B 56 -3.76 -1.31 -16.98
CA ARG B 56 -2.57 -0.99 -17.76
C ARG B 56 -2.85 0.22 -18.65
N GLU B 57 -4.08 0.30 -19.14
CA GLU B 57 -4.48 1.40 -20.00
C GLU B 57 -4.55 2.70 -19.21
N LEU B 58 -5.22 2.66 -18.05
CA LEU B 58 -5.33 3.84 -17.21
C LEU B 58 -3.95 4.29 -16.76
N LEU B 59 -3.05 3.34 -16.54
CA LEU B 59 -1.69 3.70 -16.13
C LEU B 59 -1.04 4.49 -17.25
N ALA B 60 -1.38 4.12 -18.48
CA ALA B 60 -0.85 4.76 -19.66
C ALA B 60 -1.52 6.10 -19.93
N GLY B 61 -2.69 6.29 -19.32
CA GLY B 61 -3.41 7.53 -19.50
C GLY B 61 -4.50 7.47 -20.56
N ASN B 62 -5.14 6.31 -20.68
CA ASN B 62 -6.20 6.12 -21.67
C ASN B 62 -7.54 5.71 -21.06
N ILE B 63 -8.51 6.63 -21.08
CA ILE B 63 -9.84 6.33 -20.55
C ILE B 63 -10.56 5.40 -21.53
N GLY B 64 -10.31 5.60 -22.82
CA GLY B 64 -10.91 4.77 -23.84
C GLY B 64 -12.27 5.13 -24.42
N GLU B 65 -13.19 5.63 -23.59
CA GLU B 65 -14.53 5.98 -24.04
C GLU B 65 -14.59 7.25 -24.91
N GLY B 66 -13.83 7.25 -26.00
CA GLY B 66 -13.84 8.39 -26.91
C GLY B 66 -13.01 9.59 -26.49
N HIS B 67 -12.06 9.39 -25.57
CA HIS B 67 -11.21 10.49 -25.12
C HIS B 67 -9.80 10.36 -25.68
N ARG B 68 -9.06 11.47 -25.64
CA ARG B 68 -7.68 11.51 -26.11
C ARG B 68 -6.75 11.09 -24.98
N ILE B 69 -5.51 10.75 -25.30
CA ILE B 69 -4.55 10.35 -24.28
C ILE B 69 -4.29 11.54 -23.36
N MSE B 70 -4.15 11.26 -22.07
CA MSE B 70 -3.91 12.29 -21.07
C MSE B 70 -2.44 12.63 -20.88
O MSE B 70 -1.56 11.94 -21.38
CB MSE B 70 -4.50 11.86 -19.73
CG MSE B 70 -5.99 11.69 -19.72
SE MSE B 70 -6.61 11.11 -17.99
CE MSE B 70 -6.12 12.69 -16.99
N ARG B 71 -2.20 13.72 -20.15
CA ARG B 71 -0.86 14.16 -19.82
C ARG B 71 0.04 14.53 -20.99
N SER B 72 -0.54 14.87 -22.14
CA SER B 72 0.25 15.25 -23.30
C SER B 72 0.99 16.58 -23.08
N ALA B 73 0.63 17.29 -22.03
CA ALA B 73 1.25 18.57 -21.70
C ALA B 73 2.54 18.38 -20.91
N THR B 74 2.90 17.13 -20.66
CA THR B 74 4.10 16.80 -19.92
C THR B 74 5.33 17.22 -20.70
N ARG B 75 6.15 18.06 -20.10
CA ARG B 75 7.38 18.49 -20.76
C ARG B 75 8.17 17.24 -21.07
N GLN B 76 8.76 17.17 -22.27
CA GLN B 76 9.55 16.01 -22.64
C GLN B 76 10.82 15.87 -21.81
N ASP B 77 11.26 16.96 -21.17
CA ASP B 77 12.46 16.88 -20.34
C ASP B 77 12.11 16.52 -18.89
N SER B 78 10.89 16.01 -18.70
CA SER B 78 10.40 15.60 -17.39
C SER B 78 9.83 14.19 -17.45
N LYS B 79 9.55 13.62 -16.28
CA LYS B 79 9.03 12.27 -16.21
C LYS B 79 7.50 12.20 -16.22
N GLU B 80 6.96 11.38 -17.10
CA GLU B 80 5.52 11.21 -17.19
C GLU B 80 5.10 10.46 -15.93
N ARG B 81 4.13 10.99 -15.20
CA ARG B 81 3.67 10.36 -13.98
C ARG B 81 2.44 9.52 -14.28
N ILE B 82 2.48 8.27 -13.87
CA ILE B 82 1.38 7.37 -14.14
C ILE B 82 0.53 7.10 -12.93
N GLY B 83 0.97 7.60 -11.78
CA GLY B 83 0.21 7.37 -10.57
C GLY B 83 0.96 7.64 -9.27
N LEU B 84 0.27 7.35 -8.18
CA LEU B 84 0.82 7.55 -6.85
C LEU B 84 0.53 6.27 -6.08
N ASP B 85 1.58 5.64 -5.59
CA ASP B 85 1.44 4.40 -4.84
C ASP B 85 1.41 4.66 -3.34
N LEU B 86 0.32 4.25 -2.70
CA LEU B 86 0.17 4.38 -1.26
C LEU B 86 0.13 2.96 -0.71
N THR B 87 1.20 2.56 -0.04
CA THR B 87 1.25 1.21 0.51
C THR B 87 0.97 1.15 2.02
N PHE B 88 -0.09 0.44 2.36
CA PHE B 88 -0.50 0.26 3.75
C PHE B 88 -0.03 -1.10 4.25
N SER B 89 0.77 -1.10 5.31
CA SER B 89 1.28 -2.33 5.87
C SER B 89 0.87 -2.44 7.33
N ALA B 90 0.20 -3.53 7.67
CA ALA B 90 -0.27 -3.75 9.02
C ALA B 90 0.85 -4.09 9.98
N PRO B 91 0.57 -3.98 11.29
CA PRO B 91 1.58 -4.30 12.30
C PRO B 91 1.90 -5.78 12.13
N LYS B 92 3.11 -6.19 12.50
CA LYS B 92 3.52 -7.57 12.36
C LYS B 92 2.55 -8.55 13.03
N SER B 93 2.34 -8.38 14.34
CA SER B 93 1.43 -9.24 15.08
C SER B 93 0.11 -9.42 14.33
N VAL B 94 -0.39 -8.32 13.77
CA VAL B 94 -1.64 -8.36 13.03
C VAL B 94 -1.51 -9.30 11.85
N SER B 95 -0.41 -9.17 11.10
CA SER B 95 -0.17 -10.04 9.95
C SER B 95 -0.12 -11.50 10.40
N LEU B 96 0.50 -11.74 11.55
CA LEU B 96 0.61 -13.09 12.10
C LEU B 96 -0.79 -13.63 12.42
N GLN B 97 -1.55 -12.86 13.19
CA GLN B 97 -2.89 -13.29 13.59
C GLN B 97 -3.77 -13.63 12.40
N ALA B 98 -3.63 -12.90 11.31
CA ALA B 98 -4.45 -13.16 10.12
C ALA B 98 -3.92 -14.23 9.18
N LEU B 99 -2.61 -14.23 8.93
CA LEU B 99 -2.02 -15.18 8.00
C LEU B 99 -1.47 -16.49 8.58
N VAL B 100 -0.92 -16.44 9.79
CA VAL B 100 -0.40 -17.67 10.40
C VAL B 100 -1.56 -18.38 11.11
N ALA B 101 -2.13 -17.73 12.13
CA ALA B 101 -3.24 -18.31 12.87
C ALA B 101 -4.49 -18.41 12.01
N GLY B 102 -4.47 -17.76 10.86
CA GLY B 102 -5.61 -17.78 9.96
C GLY B 102 -6.87 -17.16 10.54
N ASP B 103 -7.14 -15.91 10.20
CA ASP B 103 -8.34 -15.19 10.67
C ASP B 103 -8.75 -14.22 9.57
N ALA B 104 -9.65 -14.66 8.71
CA ALA B 104 -10.10 -13.82 7.61
C ALA B 104 -10.65 -12.47 8.06
N GLU B 105 -11.22 -12.42 9.25
CA GLU B 105 -11.78 -11.17 9.78
C GLU B 105 -10.72 -10.09 9.89
N ILE B 106 -9.48 -10.49 10.19
CA ILE B 106 -8.39 -9.52 10.28
C ILE B 106 -8.20 -8.92 8.90
N ILE B 107 -8.23 -9.78 7.88
CA ILE B 107 -8.09 -9.34 6.50
C ILE B 107 -9.15 -8.30 6.15
N LYS B 108 -10.38 -8.53 6.62
CA LYS B 108 -11.46 -7.60 6.33
C LYS B 108 -11.22 -6.31 7.11
N ALA B 109 -10.70 -6.44 8.33
CA ALA B 109 -10.40 -5.30 9.18
C ALA B 109 -9.43 -4.39 8.44
N HIS B 110 -8.38 -5.01 7.91
CA HIS B 110 -7.34 -4.31 7.17
C HIS B 110 -7.94 -3.66 5.93
N ASP B 111 -8.76 -4.39 5.18
CA ASP B 111 -9.37 -3.82 3.97
C ASP B 111 -10.24 -2.62 4.28
N ARG B 112 -10.95 -2.64 5.41
CA ARG B 112 -11.79 -1.51 5.76
C ARG B 112 -10.91 -0.33 6.16
N ALA B 113 -9.93 -0.58 7.02
CA ALA B 113 -9.04 0.48 7.44
C ALA B 113 -8.47 1.15 6.19
N VAL B 114 -8.10 0.35 5.20
CA VAL B 114 -7.55 0.91 3.97
C VAL B 114 -8.57 1.69 3.18
N ALA B 115 -9.77 1.13 3.01
CA ALA B 115 -10.81 1.80 2.24
C ALA B 115 -11.28 3.11 2.85
N ARG B 116 -11.34 3.17 4.17
CA ARG B 116 -11.77 4.41 4.82
C ARG B 116 -10.72 5.48 4.68
N THR B 117 -9.46 5.08 4.73
CA THR B 117 -8.38 6.03 4.58
C THR B 117 -8.37 6.59 3.15
N LEU B 118 -8.61 5.74 2.16
CA LEU B 118 -8.61 6.21 0.77
C LEU B 118 -9.74 7.21 0.50
N GLU B 119 -10.84 7.08 1.23
CA GLU B 119 -11.97 8.00 1.11
C GLU B 119 -11.47 9.38 1.55
N GLN B 120 -10.57 9.40 2.52
CA GLN B 120 -10.01 10.65 3.02
C GLN B 120 -8.98 11.22 2.07
N ALA B 121 -8.23 10.34 1.42
CA ALA B 121 -7.22 10.77 0.45
C ALA B 121 -7.98 11.36 -0.74
N GLU B 122 -9.11 10.74 -1.08
CA GLU B 122 -9.92 11.19 -2.20
C GLU B 122 -10.44 12.62 -1.97
N ALA B 123 -10.83 12.92 -0.74
CA ALA B 123 -11.32 14.26 -0.41
C ALA B 123 -10.21 15.29 -0.65
N ARG B 124 -8.99 14.82 -0.86
CA ARG B 124 -7.87 15.73 -1.10
C ARG B 124 -7.43 15.70 -2.56
N ALA B 125 -8.18 15.00 -3.40
CA ALA B 125 -7.86 14.92 -4.82
C ALA B 125 -8.05 16.27 -5.48
N GLN B 126 -7.02 16.78 -6.14
CA GLN B 126 -7.11 18.07 -6.80
C GLN B 126 -6.59 18.10 -8.22
N ALA B 127 -7.05 19.09 -8.96
CA ALA B 127 -6.65 19.27 -10.33
C ALA B 127 -6.46 20.77 -10.53
N ARG B 128 -5.76 21.12 -11.59
CA ARG B 128 -5.53 22.52 -11.88
C ARG B 128 -6.38 22.90 -13.09
N GLN B 129 -6.56 24.20 -13.28
CA GLN B 129 -7.33 24.72 -14.40
C GLN B 129 -6.96 26.18 -14.59
N LYS B 130 -6.66 26.53 -15.84
CA LYS B 130 -6.27 27.89 -16.16
C LYS B 130 -7.36 28.62 -16.96
N ILE B 131 -7.51 29.92 -16.69
CA ILE B 131 -8.48 30.77 -17.38
C ILE B 131 -7.81 32.12 -17.62
N GLN B 132 -7.58 32.43 -18.90
CA GLN B 132 -6.94 33.68 -19.29
C GLN B 132 -5.58 33.90 -18.62
N GLY B 133 -4.84 32.81 -18.42
CA GLY B 133 -3.53 32.93 -17.81
C GLY B 133 -3.55 32.87 -16.29
N LYS B 134 -4.74 32.82 -15.71
CA LYS B 134 -4.85 32.74 -14.26
C LYS B 134 -5.10 31.29 -13.87
N THR B 135 -4.18 30.73 -13.09
CA THR B 135 -4.29 29.35 -12.64
C THR B 135 -5.07 29.25 -11.33
N ARG B 136 -5.80 28.15 -11.17
CA ARG B 136 -6.58 27.91 -9.97
C ARG B 136 -6.51 26.43 -9.64
N ILE B 137 -6.56 26.11 -8.35
CA ILE B 137 -6.53 24.74 -7.90
C ILE B 137 -7.96 24.33 -7.59
N GLU B 138 -8.35 23.14 -8.01
CA GLU B 138 -9.70 22.66 -7.79
C GLU B 138 -9.77 21.32 -7.08
N THR B 139 -10.40 21.31 -5.91
CA THR B 139 -10.57 20.08 -5.16
C THR B 139 -11.68 19.37 -5.91
N THR B 140 -11.29 18.31 -6.61
CA THR B 140 -12.21 17.53 -7.42
C THR B 140 -12.92 16.47 -6.61
N GLY B 141 -12.24 15.96 -5.59
CA GLY B 141 -12.82 14.95 -4.74
C GLY B 141 -13.01 13.58 -5.37
N ASN B 142 -12.43 13.34 -6.55
CA ASN B 142 -12.58 12.02 -7.15
C ASN B 142 -11.24 11.41 -7.56
N LEU B 143 -11.12 10.10 -7.32
CA LEU B 143 -9.92 9.36 -7.64
C LEU B 143 -10.26 8.00 -8.24
N VAL B 144 -9.35 7.49 -9.05
CA VAL B 144 -9.51 6.16 -9.64
C VAL B 144 -8.41 5.36 -8.98
N ILE B 145 -8.78 4.37 -8.18
CA ILE B 145 -7.78 3.59 -7.45
C ILE B 145 -7.82 2.11 -7.65
N GLY B 146 -6.64 1.53 -7.90
CA GLY B 146 -6.55 0.09 -8.03
C GLY B 146 -5.90 -0.41 -6.75
N LYS B 147 -6.60 -1.25 -5.99
CA LYS B 147 -6.07 -1.76 -4.73
C LYS B 147 -5.66 -3.23 -4.87
N PHE B 148 -4.42 -3.52 -4.46
CA PHE B 148 -3.89 -4.88 -4.55
C PHE B 148 -3.40 -5.32 -3.17
N ARG B 149 -3.96 -6.41 -2.66
CA ARG B 149 -3.58 -6.92 -1.34
C ARG B 149 -2.56 -8.06 -1.50
N HIS B 150 -1.49 -7.99 -0.70
CA HIS B 150 -0.45 -9.00 -0.73
C HIS B 150 -0.22 -9.49 0.70
N GLU B 151 0.48 -10.61 0.85
CA GLU B 151 0.66 -11.22 2.16
C GLU B 151 2.05 -11.57 2.64
N THR B 152 3.07 -11.38 1.80
CA THR B 152 4.43 -11.73 2.22
C THR B 152 5.46 -10.65 1.98
N SER B 153 6.55 -10.69 2.77
CA SER B 153 7.64 -9.73 2.64
C SER B 153 8.64 -10.34 1.65
N ARG B 154 9.73 -9.64 1.38
CA ARG B 154 10.72 -10.15 0.45
C ARG B 154 11.42 -11.38 1.00
N GLU B 155 11.33 -11.56 2.31
CA GLU B 155 11.94 -12.71 2.98
C GLU B 155 10.92 -13.81 3.29
N ARG B 156 9.75 -13.69 2.67
CA ARG B 156 8.66 -14.65 2.84
C ARG B 156 8.04 -14.69 4.22
N ASP B 157 8.22 -13.62 5.00
CA ASP B 157 7.59 -13.54 6.31
C ASP B 157 6.15 -13.07 6.07
N PRO B 158 5.25 -13.29 7.04
CA PRO B 158 3.87 -12.84 6.88
C PRO B 158 3.93 -11.30 6.88
N GLN B 159 3.32 -10.68 5.88
CA GLN B 159 3.36 -9.22 5.77
C GLN B 159 2.11 -8.73 5.07
N LEU B 160 1.05 -8.52 5.83
CA LEU B 160 -0.22 -8.08 5.26
C LEU B 160 -0.13 -6.63 4.81
N HIS B 161 -0.30 -6.42 3.52
CA HIS B 161 -0.26 -5.06 3.01
C HIS B 161 -1.02 -4.89 1.70
N THR B 162 -1.41 -3.65 1.44
CA THR B 162 -2.13 -3.35 0.22
C THR B 162 -1.45 -2.19 -0.48
N HIS B 163 -1.38 -2.30 -1.80
CA HIS B 163 -0.83 -1.27 -2.65
C HIS B 163 -2.04 -0.52 -3.20
N ALA B 164 -2.23 0.73 -2.80
CA ALA B 164 -3.34 1.50 -3.31
C ALA B 164 -2.76 2.37 -4.41
N VAL B 165 -2.88 1.92 -5.66
CA VAL B 165 -2.32 2.70 -6.75
C VAL B 165 -3.32 3.75 -7.24
N ILE B 166 -3.04 4.99 -6.86
CA ILE B 166 -3.89 6.09 -7.28
C ILE B 166 -3.40 6.48 -8.65
N LEU B 167 -4.30 6.40 -9.62
CA LEU B 167 -3.94 6.75 -10.99
C LEU B 167 -3.88 8.25 -11.13
N ASN B 168 -2.95 8.71 -11.96
CA ASN B 168 -2.72 10.13 -12.22
C ASN B 168 -3.83 10.73 -13.06
N MSE B 169 -5.03 10.79 -12.50
CA MSE B 169 -6.18 11.33 -13.23
C MSE B 169 -7.30 11.71 -12.30
O MSE B 169 -7.51 11.08 -11.25
CB MSE B 169 -6.69 10.29 -14.22
CG MSE B 169 -7.17 9.01 -13.55
SE MSE B 169 -7.61 7.63 -14.84
CE MSE B 169 -5.92 7.61 -15.77
N THR B 170 -8.06 12.73 -12.71
CA THR B 170 -9.19 13.21 -11.94
C THR B 170 -10.14 14.03 -12.82
N LYS B 171 -11.44 13.92 -12.58
CA LYS B 171 -12.44 14.66 -13.36
C LYS B 171 -12.84 15.98 -12.67
N ARG B 172 -12.69 17.08 -13.40
CA ARG B 172 -13.06 18.40 -12.89
C ARG B 172 -14.56 18.64 -13.04
N SER B 173 -15.04 19.74 -12.46
CA SER B 173 -16.46 20.11 -12.52
C SER B 173 -16.92 20.26 -13.97
N ASP B 174 -16.08 20.85 -14.80
CA ASP B 174 -16.40 21.06 -16.21
C ASP B 174 -16.48 19.74 -16.97
N GLY B 175 -16.21 18.63 -16.28
CA GLY B 175 -16.26 17.32 -16.93
C GLY B 175 -14.98 16.89 -17.63
N GLN B 176 -13.89 17.61 -17.43
CA GLN B 176 -12.60 17.28 -18.06
C GLN B 176 -11.68 16.48 -17.14
N TRP B 177 -11.04 15.45 -17.69
CA TRP B 177 -10.11 14.64 -16.92
C TRP B 177 -8.74 15.27 -17.03
N ARG B 178 -8.10 15.48 -15.88
CA ARG B 178 -6.78 16.09 -15.82
C ARG B 178 -5.87 15.33 -14.90
N ALA B 179 -4.58 15.63 -14.99
CA ALA B 179 -3.60 14.99 -14.13
C ALA B 179 -3.97 15.36 -12.69
N LEU B 180 -3.53 14.55 -11.75
CA LEU B 180 -3.82 14.81 -10.37
C LEU B 180 -2.79 15.78 -9.78
N LYS B 181 -3.23 16.76 -9.01
CA LYS B 181 -2.29 17.65 -8.33
C LYS B 181 -2.20 16.88 -7.01
N ASN B 182 -1.08 16.21 -6.78
CA ASN B 182 -0.93 15.37 -5.59
C ASN B 182 -0.40 16.02 -4.32
N ASP B 183 -0.16 17.32 -4.33
CA ASP B 183 0.35 18.02 -3.16
C ASP B 183 -0.33 17.58 -1.86
N GLU B 184 -1.64 17.79 -1.81
CA GLU B 184 -2.44 17.47 -0.64
C GLU B 184 -2.32 16.03 -0.14
N ILE B 185 -2.45 15.08 -1.05
CA ILE B 185 -2.34 13.68 -0.66
C ILE B 185 -0.92 13.35 -0.23
N VAL B 186 0.06 13.78 -1.02
CA VAL B 186 1.45 13.50 -0.68
C VAL B 186 1.87 14.10 0.65
N LYS B 187 1.50 15.35 0.89
CA LYS B 187 1.86 15.99 2.16
C LYS B 187 1.00 15.51 3.34
N ALA B 188 -0.03 14.72 3.07
CA ALA B 188 -0.91 14.22 4.12
C ALA B 188 -0.63 12.75 4.45
N THR B 189 0.49 12.24 3.93
CA THR B 189 0.90 10.86 4.15
C THR B 189 0.93 10.44 5.63
N ARG B 190 1.63 11.20 6.46
CA ARG B 190 1.71 10.89 7.87
C ARG B 190 0.32 10.87 8.50
N TYR B 191 -0.47 11.89 8.22
CA TYR B 191 -1.82 11.97 8.75
C TYR B 191 -2.65 10.77 8.27
N LEU B 192 -2.56 10.41 7.00
CA LEU B 192 -3.34 9.29 6.48
C LEU B 192 -2.88 7.96 7.09
N GLY B 193 -1.61 7.90 7.50
CA GLY B 193 -1.11 6.69 8.13
C GLY B 193 -1.76 6.53 9.49
N ALA B 194 -2.01 7.65 10.17
CA ALA B 194 -2.64 7.61 11.48
C ALA B 194 -4.10 7.24 11.33
N VAL B 195 -4.73 7.69 10.25
CA VAL B 195 -6.12 7.33 10.02
C VAL B 195 -6.21 5.83 9.83
N TYR B 196 -5.24 5.27 9.10
CA TYR B 196 -5.21 3.84 8.84
C TYR B 196 -5.05 3.09 10.16
N ASN B 197 -4.08 3.53 10.93
CA ASN B 197 -3.76 2.95 12.23
C ASN B 197 -5.01 2.94 13.12
N ALA B 198 -5.65 4.10 13.24
CA ALA B 198 -6.85 4.28 14.05
C ALA B 198 -7.98 3.38 13.59
N GLU B 199 -8.23 3.38 12.28
CA GLU B 199 -9.30 2.56 11.72
C GLU B 199 -9.01 1.07 11.90
N LEU B 200 -7.74 0.69 11.77
CA LEU B 200 -7.38 -0.71 11.94
C LEU B 200 -7.60 -1.10 13.39
N ALA B 201 -7.09 -0.28 14.31
CA ALA B 201 -7.23 -0.54 15.73
C ALA B 201 -8.70 -0.68 16.11
N HIS B 202 -9.53 0.23 15.60
CA HIS B 202 -10.94 0.16 15.91
C HIS B 202 -11.48 -1.19 15.45
N GLU B 203 -11.21 -1.54 14.20
CA GLU B 203 -11.70 -2.81 13.66
C GLU B 203 -11.22 -4.02 14.42
N LEU B 204 -9.99 -3.97 14.92
CA LEU B 204 -9.43 -5.09 15.66
C LEU B 204 -10.09 -5.24 17.02
N GLN B 205 -10.36 -4.10 17.66
CA GLN B 205 -11.00 -4.13 18.95
C GLN B 205 -12.43 -4.66 18.86
N LYS B 206 -13.11 -4.43 17.74
CA LYS B 206 -14.47 -4.93 17.56
C LYS B 206 -14.49 -6.45 17.41
N LEU B 207 -13.35 -7.02 17.03
CA LEU B 207 -13.25 -8.47 16.87
C LEU B 207 -12.92 -9.07 18.22
N GLY B 208 -12.55 -8.21 19.17
CA GLY B 208 -12.23 -8.67 20.50
C GLY B 208 -10.76 -8.68 20.88
N TYR B 209 -9.88 -8.11 20.06
CA TYR B 209 -8.46 -8.10 20.40
C TYR B 209 -8.04 -6.97 21.31
N GLN B 210 -7.03 -7.24 22.13
CA GLN B 210 -6.48 -6.24 23.02
C GLN B 210 -5.22 -5.72 22.32
N LEU B 211 -5.07 -4.40 22.29
CA LEU B 211 -3.91 -3.80 21.64
C LEU B 211 -2.89 -3.22 22.63
N ARG B 212 -1.62 -3.36 22.28
CA ARG B 212 -0.55 -2.83 23.11
C ARG B 212 0.12 -1.71 22.33
N TYR B 213 -0.09 -0.47 22.74
CA TYR B 213 0.52 0.67 22.06
C TYR B 213 1.92 0.92 22.59
N GLY B 214 2.83 1.19 21.67
CA GLY B 214 4.20 1.45 22.06
C GLY B 214 4.48 2.94 22.01
N LYS B 215 5.72 3.30 22.30
CA LYS B 215 6.15 4.69 22.30
C LYS B 215 5.68 5.42 21.04
N ASP B 216 6.13 4.92 19.89
CA ASP B 216 5.81 5.47 18.58
C ASP B 216 4.40 6.00 18.43
N GLY B 217 3.42 5.16 18.79
CA GLY B 217 2.03 5.51 18.66
C GLY B 217 1.44 4.38 17.82
N ASN B 218 2.30 3.40 17.59
CA ASN B 218 1.95 2.21 16.83
C ASN B 218 1.46 1.14 17.79
N PHE B 219 0.94 0.04 17.27
CA PHE B 219 0.46 -1.01 18.14
C PHE B 219 0.65 -2.40 17.55
N ASP B 220 0.44 -3.39 18.41
CA ASP B 220 0.53 -4.79 18.05
C ASP B 220 -0.41 -5.48 19.00
N LEU B 221 -0.93 -6.64 18.60
CA LEU B 221 -1.84 -7.36 19.47
C LEU B 221 -1.08 -7.63 20.79
N ALA B 222 -1.80 -7.62 21.90
CA ALA B 222 -1.20 -7.81 23.22
C ALA B 222 -0.59 -9.19 23.51
N HIS B 223 -1.15 -10.23 22.93
CA HIS B 223 -0.66 -11.58 23.18
C HIS B 223 0.56 -12.02 22.36
N ILE B 224 1.32 -11.06 21.83
CA ILE B 224 2.50 -11.39 21.03
C ILE B 224 3.60 -10.39 21.38
N ASP B 225 4.68 -10.88 21.99
CA ASP B 225 5.76 -10.00 22.40
C ASP B 225 6.70 -9.58 21.29
N ARG B 226 7.67 -8.74 21.66
CA ARG B 226 8.65 -8.22 20.72
C ARG B 226 9.49 -9.30 20.07
N GLN B 227 10.13 -10.14 20.89
CA GLN B 227 10.97 -11.21 20.41
C GLN B 227 10.24 -12.03 19.35
N GLN B 228 8.99 -12.36 19.63
CA GLN B 228 8.17 -13.13 18.69
C GLN B 228 7.96 -12.36 17.40
N ILE B 229 7.79 -11.05 17.49
CA ILE B 229 7.59 -10.23 16.30
C ILE B 229 8.88 -10.21 15.47
N GLU B 230 10.01 -10.05 16.14
CA GLU B 230 11.29 -10.02 15.44
C GLU B 230 11.61 -11.34 14.74
N GLY B 231 11.08 -12.45 15.26
CA GLY B 231 11.32 -13.73 14.64
C GLY B 231 10.65 -13.85 13.29
N PHE B 232 9.69 -12.98 13.01
CA PHE B 232 8.99 -12.97 11.74
C PHE B 232 9.26 -11.65 11.03
N SER B 233 10.36 -10.99 11.42
CA SER B 233 10.73 -9.72 10.81
C SER B 233 12.17 -9.76 10.29
N LYS B 234 12.41 -10.65 9.33
CA LYS B 234 13.75 -10.81 8.75
C LYS B 234 14.30 -9.59 8.02
N ARG B 235 13.46 -8.93 7.22
CA ARG B 235 13.91 -7.74 6.49
C ARG B 235 14.38 -6.66 7.46
N THR B 236 13.70 -6.58 8.60
CA THR B 236 14.05 -5.62 9.63
C THR B 236 15.44 -5.96 10.14
N GLU B 237 15.67 -7.23 10.41
CA GLU B 237 16.97 -7.66 10.90
C GLU B 237 18.07 -7.43 9.87
N GLN B 238 17.76 -7.60 8.59
CA GLN B 238 18.73 -7.37 7.52
C GLN B 238 19.11 -5.89 7.48
N ILE B 239 18.12 -5.02 7.64
CA ILE B 239 18.36 -3.60 7.62
C ILE B 239 19.20 -3.19 8.81
N ALA B 240 18.91 -3.76 9.97
CA ALA B 240 19.66 -3.45 11.17
C ALA B 240 21.09 -3.94 11.02
N GLU B 241 21.29 -5.05 10.31
CA GLU B 241 22.65 -5.57 10.14
C GLU B 241 23.44 -4.63 9.26
N TRP B 242 22.79 -4.08 8.25
CA TRP B 242 23.47 -3.16 7.34
C TRP B 242 24.00 -1.96 8.12
N TYR B 243 23.15 -1.33 8.94
CA TYR B 243 23.59 -0.19 9.73
C TYR B 243 24.75 -0.56 10.64
N ALA B 244 24.67 -1.72 11.26
CA ALA B 244 25.71 -2.19 12.14
C ALA B 244 27.04 -2.34 11.41
N ALA B 245 26.99 -2.95 10.22
CA ALA B 245 28.18 -3.15 9.41
C ALA B 245 28.80 -1.83 8.98
N ARG B 246 27.96 -0.81 8.84
CA ARG B 246 28.41 0.51 8.42
C ARG B 246 28.77 1.36 9.63
N GLY B 247 28.56 0.84 10.83
CA GLY B 247 28.86 1.58 12.03
C GLY B 247 27.92 2.77 12.18
N LEU B 248 26.80 2.72 11.48
CA LEU B 248 25.81 3.79 11.51
C LEU B 248 24.88 3.68 12.71
N ASP B 249 24.25 4.80 13.05
CA ASP B 249 23.30 4.83 14.15
C ASP B 249 21.91 5.01 13.55
N PRO B 250 21.04 4.01 13.71
CA PRO B 250 19.69 4.11 13.15
C PRO B 250 18.93 5.34 13.67
N ASN B 251 19.35 5.85 14.81
CA ASN B 251 18.70 7.01 15.42
C ASN B 251 19.05 8.32 14.74
N SER B 252 19.78 8.26 13.63
CA SER B 252 20.15 9.46 12.89
C SER B 252 20.90 9.14 11.61
N VAL B 253 20.15 8.75 10.58
CA VAL B 253 20.75 8.42 9.29
C VAL B 253 20.11 9.19 8.16
N SER B 254 20.94 9.71 7.25
CA SER B 254 20.42 10.47 6.12
C SER B 254 19.49 9.58 5.29
N LEU B 255 18.66 10.21 4.47
CA LEU B 255 17.74 9.47 3.63
C LEU B 255 18.54 8.51 2.76
N GLU B 256 19.67 8.99 2.26
CA GLU B 256 20.54 8.19 1.41
C GLU B 256 20.98 6.90 2.11
N GLN B 257 21.36 7.02 3.38
CA GLN B 257 21.81 5.87 4.14
C GLN B 257 20.66 4.93 4.45
N LYS B 258 19.50 5.50 4.75
CA LYS B 258 18.33 4.70 5.07
C LYS B 258 17.87 3.91 3.85
N GLN B 259 17.74 4.58 2.71
CA GLN B 259 17.32 3.91 1.49
C GLN B 259 18.37 2.90 1.03
N ALA B 260 19.63 3.24 1.26
CA ALA B 260 20.73 2.36 0.88
C ALA B 260 20.61 1.05 1.67
N ALA B 261 20.33 1.16 2.96
CA ALA B 261 20.20 -0.02 3.81
C ALA B 261 18.96 -0.87 3.46
N LYS B 262 17.88 -0.22 3.03
CA LYS B 262 16.68 -0.95 2.67
C LYS B 262 16.89 -1.70 1.36
N VAL B 263 17.30 -0.98 0.33
CA VAL B 263 17.52 -1.57 -0.99
C VAL B 263 18.69 -2.56 -1.08
N LEU B 264 19.86 -2.16 -0.60
CA LEU B 264 21.05 -2.98 -0.65
C LEU B 264 21.07 -4.19 0.27
N SER B 265 20.19 -4.24 1.26
CA SER B 265 20.18 -5.38 2.15
C SER B 265 19.24 -6.46 1.61
N ARG B 266 18.53 -6.14 0.54
CA ARG B 266 17.60 -7.08 -0.06
C ARG B 266 18.33 -8.27 -0.67
N ALA B 267 17.76 -9.46 -0.49
CA ALA B 267 18.35 -10.67 -1.03
C ALA B 267 17.66 -11.00 -2.36
N LYS B 268 18.02 -12.14 -2.94
CA LYS B 268 17.46 -12.59 -4.21
C LYS B 268 16.01 -13.04 -4.10
N LYS B 269 15.16 -12.47 -4.94
CA LYS B 269 13.73 -12.77 -4.96
C LYS B 269 13.37 -14.13 -5.56
N THR B 270 13.27 -15.15 -4.72
CA THR B 270 12.92 -16.50 -5.18
C THR B 270 11.49 -16.88 -4.83
N SER B 271 10.89 -17.71 -5.69
CA SER B 271 9.51 -18.16 -5.50
C SER B 271 9.40 -19.13 -4.32
N VAL B 272 8.16 -19.42 -3.93
CA VAL B 272 7.90 -20.32 -2.81
C VAL B 272 6.61 -21.11 -2.99
N ASP B 273 6.39 -22.08 -2.10
CA ASP B 273 5.20 -22.91 -2.14
C ASP B 273 4.29 -22.39 -1.02
N ARG B 274 3.25 -21.64 -1.40
CA ARG B 274 2.32 -21.06 -0.43
C ARG B 274 1.85 -22.09 0.59
N GLU B 275 1.62 -23.32 0.13
CA GLU B 275 1.16 -24.37 1.01
C GLU B 275 2.23 -24.69 2.05
N ALA B 276 3.46 -24.89 1.57
CA ALA B 276 4.58 -25.21 2.44
C ALA B 276 5.01 -24.03 3.32
N LEU B 277 4.88 -22.83 2.78
CA LEU B 277 5.27 -21.62 3.49
C LEU B 277 4.47 -21.44 4.78
N ARG B 278 3.16 -21.62 4.68
CA ARG B 278 2.30 -21.47 5.85
C ARG B 278 2.67 -22.47 6.94
N ALA B 279 2.97 -23.70 6.54
CA ALA B 279 3.37 -24.73 7.50
C ALA B 279 4.66 -24.32 8.16
N GLU B 280 5.50 -23.60 7.43
CA GLU B 280 6.76 -23.14 7.99
C GLU B 280 6.41 -22.09 9.03
N TRP B 281 5.58 -21.12 8.62
CA TRP B 281 5.14 -20.06 9.52
C TRP B 281 4.62 -20.65 10.83
N GLN B 282 3.72 -21.62 10.72
CA GLN B 282 3.16 -22.25 11.90
C GLN B 282 4.23 -22.90 12.77
N ALA B 283 5.12 -23.68 12.15
CA ALA B 283 6.20 -24.32 12.90
C ALA B 283 7.03 -23.26 13.61
N THR B 284 7.41 -22.22 12.88
CA THR B 284 8.20 -21.14 13.45
C THR B 284 7.47 -20.50 14.64
N ALA B 285 6.18 -20.23 14.46
CA ALA B 285 5.36 -19.62 15.52
C ALA B 285 5.46 -20.43 16.82
N LYS B 286 5.29 -21.74 16.72
CA LYS B 286 5.37 -22.61 17.89
C LYS B 286 6.73 -22.45 18.55
N GLU B 287 7.80 -22.58 17.76
CA GLU B 287 9.15 -22.44 18.29
C GLU B 287 9.32 -21.14 19.06
N LEU B 288 8.77 -20.05 18.53
CA LEU B 288 8.87 -18.76 19.18
C LEU B 288 8.00 -18.70 20.44
N GLY B 289 7.20 -19.74 20.64
CA GLY B 289 6.33 -19.80 21.80
C GLY B 289 5.12 -18.91 21.69
N ILE B 290 4.62 -18.73 20.47
CA ILE B 290 3.47 -17.88 20.22
C ILE B 290 2.16 -18.60 20.46
N ASP B 291 1.25 -17.94 21.17
CA ASP B 291 -0.07 -18.50 21.45
C ASP B 291 -1.07 -17.62 20.72
N PHE B 292 -1.57 -18.11 19.59
CA PHE B 292 -2.53 -17.37 18.79
C PHE B 292 -3.92 -17.40 19.42
N SER B 293 -3.94 -17.44 20.74
CA SER B 293 -5.18 -17.45 21.50
C SER B 293 -5.35 -16.06 22.10
S SO4 C . 6.87 -0.61 2.45
O1 SO4 C . 6.24 -1.05 1.19
O2 SO4 C . 6.90 -1.75 3.39
O3 SO4 C . 6.09 0.50 3.03
O4 SO4 C . 8.26 -0.17 2.19
CU CU D . 3.33 -6.02 -2.08
#